data_7R09
#
_entry.id   7R09
#
_cell.length_a   93.508
_cell.length_b   93.508
_cell.length_c   75.786
_cell.angle_alpha   90.000
_cell.angle_beta   90.000
_cell.angle_gamma   120.000
#
_symmetry.space_group_name_H-M   'P 3 2 1'
#
loop_
_entity.id
_entity.type
_entity.pdbx_description
1 polymer 'Amine Dehydrogenase'
2 non-polymer 'NADP NICOTINAMIDE-ADENINE-DINUCLEOTIDE PHOSPHATE'
3 non-polymer 'CYCLOHEXYLAMMONIUM ION'
4 water water
#
_entity_poly.entity_id   1
_entity_poly.type   'polypeptide(L)'
_entity_poly.pdbx_seq_one_letter_code
;MHHHHHHSPLRVALYGFGNQNKEMAKMLVERKDVEIVAVISNKSNVGKDFGEVIGLAPQGILVTAGLDAAETLRTTNPQI
AMLSTLSTVGDIESQLRACAENKVNVYTIAEELTFSWTSAPEKTKEMDELFKEHNVSLIGGGFLDGACCDMARTMAAMMH
KIDKLDGGLQYNVDHYGQVLAIAHGVGLSEEEFYAENGPGWTSPTSYPKSYVYNMNDWFASAFGLTVIKTEEVKTPTKAP
IELYSEAIGRAIPVGQCTGMIVTATTTTEEGVIIVEKQVGKCYEDGDEDMVFMNLEGNPTGGVGFTMKNPPTPAMTNTIA
ISRMFQTVDAPAGYITTDKLPTMEAYVHGRL
;
_entity_poly.pdbx_strand_id   A
#
# COMPACT_ATOMS: atom_id res chain seq x y z
N SER A 8 27.47 -4.15 10.72
CA SER A 8 27.07 -3.20 9.65
C SER A 8 25.63 -3.51 9.21
N PRO A 9 25.29 -4.75 8.76
CA PRO A 9 23.99 -5.02 8.14
C PRO A 9 22.82 -4.49 8.97
N LEU A 10 21.85 -3.82 8.33
CA LEU A 10 20.61 -3.29 8.97
C LEU A 10 19.82 -4.45 9.58
N ARG A 11 19.36 -4.28 10.82
CA ARG A 11 18.55 -5.28 11.57
C ARG A 11 17.09 -5.16 11.14
N VAL A 12 16.58 -6.17 10.43
CA VAL A 12 15.25 -6.11 9.77
C VAL A 12 14.35 -7.22 10.30
N ALA A 13 13.17 -6.83 10.79
CA ALA A 13 12.09 -7.77 11.16
C ALA A 13 11.06 -7.80 10.03
N LEU A 14 10.63 -8.98 9.59
CA LEU A 14 9.37 -9.17 8.81
C LEU A 14 8.20 -9.29 9.79
N TYR A 15 7.30 -8.31 9.80
CA TYR A 15 6.07 -8.30 10.66
C TYR A 15 4.88 -8.62 9.76
N GLY A 16 4.39 -9.86 9.85
CA GLY A 16 3.54 -10.49 8.84
C GLY A 16 4.41 -11.34 7.94
N PHE A 17 3.85 -12.45 7.46
CA PHE A 17 4.63 -13.40 6.62
C PHE A 17 3.71 -14.15 5.67
N GLY A 18 2.81 -13.43 4.99
CA GLY A 18 1.94 -13.99 3.94
C GLY A 18 2.55 -13.79 2.56
N ASN A 19 1.73 -13.59 1.53
CA ASN A 19 2.19 -13.57 0.11
C ASN A 19 3.24 -12.48 -0.11
N GLN A 20 3.02 -11.28 0.44
CA GLN A 20 3.92 -10.13 0.21
C GLN A 20 5.20 -10.37 1.00
N ASN A 21 5.12 -10.60 2.30
CA ASN A 21 6.34 -10.64 3.16
C ASN A 21 7.09 -11.95 2.88
N LYS A 22 6.45 -12.94 2.25
CA LYS A 22 7.17 -14.19 1.82
C LYS A 22 8.13 -13.84 0.67
N GLU A 23 7.66 -13.15 -0.37
CA GLU A 23 8.50 -12.71 -1.53
C GLU A 23 9.51 -11.65 -1.08
N MET A 24 9.13 -10.72 -0.21
CA MET A 24 10.07 -9.65 0.24
C MET A 24 11.28 -10.33 0.92
N ALA A 25 11.05 -11.42 1.64
CA ALA A 25 12.09 -12.22 2.34
C ALA A 25 13.13 -12.74 1.34
N LYS A 26 12.69 -13.43 0.29
CA LYS A 26 13.57 -13.98 -0.76
C LYS A 26 14.60 -12.91 -1.17
N MET A 27 14.13 -11.71 -1.48
CA MET A 27 14.99 -10.60 -1.99
C MET A 27 15.89 -10.13 -0.85
N LEU A 28 15.35 -10.01 0.38
CA LEU A 28 16.12 -9.42 1.50
C LEU A 28 17.26 -10.35 1.95
N VAL A 29 17.15 -11.66 1.69
CA VAL A 29 18.21 -12.64 2.06
C VAL A 29 19.41 -12.41 1.16
N GLU A 30 19.19 -12.24 -0.15
CA GLU A 30 20.19 -12.03 -1.23
C GLU A 30 20.95 -10.72 -1.01
N ARG A 31 20.41 -9.83 -0.19
CA ARG A 31 20.95 -8.48 0.01
C ARG A 31 21.94 -8.50 1.19
N LYS A 32 23.24 -8.32 0.90
CA LYS A 32 24.36 -8.40 1.87
C LYS A 32 24.32 -7.17 2.78
N ASP A 33 23.49 -6.21 2.39
CA ASP A 33 23.22 -4.92 3.06
C ASP A 33 22.34 -5.16 4.31
N VAL A 34 21.62 -6.29 4.38
CA VAL A 34 20.55 -6.47 5.42
C VAL A 34 20.63 -7.86 6.04
N GLU A 35 20.26 -7.92 7.32
CA GLU A 35 20.07 -9.18 8.08
C GLU A 35 18.66 -9.23 8.70
N ILE A 36 17.95 -10.32 8.42
CA ILE A 36 16.64 -10.67 9.05
C ILE A 36 16.90 -11.22 10.48
N VAL A 37 16.45 -10.49 11.50
CA VAL A 37 16.63 -10.87 12.93
C VAL A 37 15.33 -11.45 13.51
N ALA A 38 14.17 -11.21 12.87
CA ALA A 38 12.88 -11.80 13.30
C ALA A 38 11.91 -11.92 12.10
N VAL A 39 11.11 -12.99 12.11
CA VAL A 39 9.92 -13.20 11.22
C VAL A 39 8.69 -13.49 12.10
N ILE A 40 7.65 -12.66 11.97
CA ILE A 40 6.38 -12.74 12.77
C ILE A 40 5.23 -13.02 11.82
N SER A 41 4.48 -14.10 12.06
CA SER A 41 3.13 -14.36 11.50
C SER A 41 2.14 -14.20 12.66
N ASN A 42 0.86 -14.50 12.44
CA ASN A 42 -0.13 -14.58 13.53
C ASN A 42 -0.18 -16.02 14.01
N LYS A 43 -0.52 -16.93 13.08
CA LYS A 43 -0.70 -18.38 13.28
C LYS A 43 0.08 -19.16 12.21
N SER A 44 -0.16 -18.86 10.92
CA SER A 44 0.41 -19.63 9.77
C SER A 44 1.95 -19.75 9.92
N ASN A 45 2.45 -20.99 9.81
CA ASN A 45 3.89 -21.36 9.73
C ASN A 45 4.62 -21.15 11.06
N VAL A 46 3.93 -20.85 12.16
CA VAL A 46 4.63 -20.55 13.44
C VAL A 46 5.44 -21.80 13.84
N GLY A 47 6.71 -21.60 14.23
CA GLY A 47 7.61 -22.68 14.67
C GLY A 47 8.64 -23.06 13.60
N LYS A 48 8.31 -22.90 12.31
CA LYS A 48 9.17 -23.32 11.18
C LYS A 48 10.20 -22.24 10.84
N ASP A 49 11.37 -22.65 10.34
CA ASP A 49 12.43 -21.73 9.84
C ASP A 49 11.93 -21.03 8.58
N PHE A 50 11.98 -19.69 8.56
CA PHE A 50 11.42 -18.84 7.47
C PHE A 50 11.95 -19.34 6.11
N GLY A 51 13.23 -19.69 6.02
CA GLY A 51 13.85 -20.17 4.78
C GLY A 51 13.12 -21.37 4.19
N GLU A 52 12.90 -22.41 5.02
CA GLU A 52 12.17 -23.65 4.62
C GLU A 52 10.79 -23.28 4.06
N VAL A 53 10.10 -22.34 4.70
CA VAL A 53 8.79 -21.81 4.20
C VAL A 53 8.99 -21.32 2.76
N ILE A 54 10.08 -20.58 2.51
CA ILE A 54 10.35 -19.84 1.24
C ILE A 54 10.87 -20.78 0.15
N GLY A 55 11.42 -21.94 0.51
CA GLY A 55 12.11 -22.83 -0.44
C GLY A 55 13.61 -22.61 -0.47
N LEU A 56 14.17 -21.95 0.55
CA LEU A 56 15.64 -21.79 0.75
C LEU A 56 16.10 -22.72 1.89
N ALA A 57 17.42 -22.90 2.00
CA ALA A 57 18.05 -23.63 3.11
C ALA A 57 17.69 -22.93 4.41
N PRO A 58 17.62 -23.64 5.56
CA PRO A 58 17.26 -23.02 6.83
C PRO A 58 18.22 -21.86 7.14
N GLN A 59 17.71 -20.79 7.74
CA GLN A 59 18.48 -19.56 8.01
C GLN A 59 18.66 -19.40 9.52
N GLY A 60 18.12 -20.32 10.33
CA GLY A 60 18.18 -20.27 11.79
C GLY A 60 17.43 -19.07 12.32
N ILE A 61 16.33 -18.72 11.67
CA ILE A 61 15.30 -17.76 12.17
C ILE A 61 13.93 -18.41 11.97
N LEU A 62 13.18 -18.56 13.06
CA LEU A 62 11.86 -19.22 13.04
C LEU A 62 10.76 -18.17 13.05
N VAL A 63 9.64 -18.49 12.39
CA VAL A 63 8.39 -17.69 12.38
C VAL A 63 7.90 -17.61 13.83
N THR A 64 7.82 -16.39 14.35
CA THR A 64 7.32 -16.03 15.72
C THR A 64 5.79 -15.89 15.66
N ALA A 65 5.11 -16.05 16.81
CA ALA A 65 3.64 -15.95 16.93
C ALA A 65 3.22 -14.48 17.08
N GLY A 66 2.08 -14.13 16.49
CA GLY A 66 1.42 -12.82 16.66
C GLY A 66 1.48 -12.34 18.10
N LEU A 67 0.92 -13.10 19.04
CA LEU A 67 0.78 -12.68 20.47
C LEU A 67 2.16 -12.43 21.11
N ASP A 68 3.25 -12.97 20.54
CA ASP A 68 4.61 -12.85 21.11
C ASP A 68 5.44 -11.73 20.44
N ALA A 69 4.87 -11.03 19.46
CA ALA A 69 5.54 -9.94 18.71
C ALA A 69 6.40 -9.06 19.63
N ALA A 70 5.78 -8.44 20.65
CA ALA A 70 6.38 -7.42 21.56
C ALA A 70 7.69 -7.93 22.18
N GLU A 71 7.71 -9.19 22.62
CA GLU A 71 8.89 -9.83 23.25
C GLU A 71 9.92 -10.16 22.16
N THR A 72 9.47 -10.58 20.98
CA THR A 72 10.33 -10.94 19.81
C THR A 72 11.14 -9.72 19.37
N LEU A 73 10.53 -8.52 19.41
CA LEU A 73 11.12 -7.23 18.97
C LEU A 73 12.02 -6.69 20.09
N ARG A 74 11.57 -6.82 21.34
CA ARG A 74 12.37 -6.50 22.56
C ARG A 74 13.74 -7.17 22.40
N THR A 75 13.74 -8.48 22.13
CA THR A 75 14.90 -9.40 22.12
C THR A 75 15.81 -9.12 20.92
N THR A 76 15.31 -9.41 19.72
CA THR A 76 16.09 -9.49 18.45
C THR A 76 16.51 -8.09 17.97
N ASN A 77 16.01 -7.03 18.63
CA ASN A 77 16.41 -5.60 18.51
C ASN A 77 16.56 -5.15 17.05
N PRO A 78 15.51 -5.26 16.21
CA PRO A 78 15.56 -4.72 14.84
C PRO A 78 15.55 -3.19 14.88
N GLN A 79 16.06 -2.55 13.82
CA GLN A 79 16.01 -1.08 13.60
C GLN A 79 14.72 -0.75 12.83
N ILE A 80 14.22 -1.71 12.04
CA ILE A 80 13.00 -1.51 11.20
C ILE A 80 12.21 -2.82 11.15
N ALA A 81 10.89 -2.67 11.03
CA ALA A 81 9.90 -3.75 10.80
C ALA A 81 9.22 -3.54 9.45
N MET A 82 9.23 -4.55 8.58
CA MET A 82 8.48 -4.47 7.31
C MET A 82 7.09 -5.06 7.56
N LEU A 83 6.12 -4.17 7.84
CA LEU A 83 4.76 -4.52 8.34
C LEU A 83 3.83 -4.72 7.14
N SER A 84 3.56 -5.99 6.84
CA SER A 84 2.72 -6.46 5.72
C SER A 84 1.62 -7.36 6.28
N THR A 85 0.60 -6.77 6.92
CA THR A 85 -0.48 -7.51 7.64
C THR A 85 -1.83 -7.05 7.07
N LEU A 86 -2.31 -5.87 7.50
CA LEU A 86 -3.65 -5.32 7.17
C LEU A 86 -3.51 -3.91 6.56
N SER A 87 -4.64 -3.32 6.16
CA SER A 87 -4.73 -2.21 5.18
C SER A 87 -5.13 -0.86 5.79
N THR A 88 -5.47 -0.80 7.09
CA THR A 88 -5.94 0.44 7.79
C THR A 88 -5.12 0.70 9.06
N VAL A 89 -4.95 1.96 9.45
CA VAL A 89 -4.23 2.31 10.72
C VAL A 89 -4.89 1.55 11.87
N GLY A 90 -6.22 1.40 11.83
CA GLY A 90 -7.02 0.70 12.87
C GLY A 90 -6.63 -0.75 13.00
N ASP A 91 -6.70 -1.49 11.88
CA ASP A 91 -6.39 -2.94 11.81
C ASP A 91 -4.93 -3.20 12.24
N ILE A 92 -4.00 -2.28 12.00
CA ILE A 92 -2.54 -2.54 12.25
C ILE A 92 -2.12 -1.91 13.57
N GLU A 93 -3.04 -1.30 14.34
CA GLU A 93 -2.71 -0.52 15.56
C GLU A 93 -1.92 -1.40 16.53
N SER A 94 -2.40 -2.63 16.76
CA SER A 94 -1.79 -3.63 17.66
C SER A 94 -0.33 -3.86 17.28
N GLN A 95 -0.03 -3.99 15.98
CA GLN A 95 1.35 -4.31 15.51
C GLN A 95 2.23 -3.07 15.55
N LEU A 96 1.65 -1.88 15.33
CA LEU A 96 2.42 -0.63 15.42
C LEU A 96 2.87 -0.40 16.86
N ARG A 97 1.99 -0.63 17.83
CA ARG A 97 2.25 -0.41 19.29
C ARG A 97 3.41 -1.32 19.73
N ALA A 98 3.39 -2.59 19.30
CA ALA A 98 4.48 -3.56 19.53
C ALA A 98 5.78 -2.92 19.04
N CYS A 99 5.78 -2.40 17.81
CA CYS A 99 6.97 -1.78 17.17
C CYS A 99 7.40 -0.54 17.97
N ALA A 100 6.54 0.48 18.06
CA ALA A 100 6.90 1.82 18.59
C ALA A 100 7.42 1.67 20.03
N GLU A 101 6.72 0.90 20.87
CA GLU A 101 7.05 0.67 22.31
C GLU A 101 8.45 0.05 22.41
N ASN A 102 8.87 -0.74 21.42
CA ASN A 102 10.19 -1.42 21.37
C ASN A 102 11.19 -0.60 20.54
N LYS A 103 10.94 0.70 20.33
CA LYS A 103 11.87 1.62 19.62
C LYS A 103 12.20 1.04 18.23
N VAL A 104 11.18 0.55 17.51
CA VAL A 104 11.34 -0.06 16.16
C VAL A 104 10.66 0.89 15.15
N ASN A 105 11.43 1.38 14.18
CA ASN A 105 10.91 2.07 12.97
C ASN A 105 10.10 1.04 12.16
N VAL A 106 9.10 1.50 11.41
CA VAL A 106 8.31 0.62 10.50
C VAL A 106 8.07 1.34 9.18
N TYR A 107 8.21 0.59 8.10
CA TYR A 107 7.60 0.88 6.78
C TYR A 107 6.56 -0.20 6.57
N THR A 108 5.33 0.23 6.31
CA THR A 108 4.18 -0.68 6.10
C THR A 108 3.67 -0.55 4.66
N ILE A 109 3.20 -1.66 4.09
CA ILE A 109 2.44 -1.63 2.81
C ILE A 109 0.92 -1.50 3.05
N ALA A 110 0.48 -1.28 4.29
CA ALA A 110 -0.92 -0.85 4.57
C ALA A 110 -1.26 0.29 3.58
N GLU A 111 -2.17 0.03 2.64
CA GLU A 111 -2.52 0.96 1.53
C GLU A 111 -2.89 2.33 2.11
N GLU A 112 -3.70 2.38 3.16
CA GLU A 112 -4.20 3.69 3.67
C GLU A 112 -3.05 4.54 4.21
N LEU A 113 -1.94 3.92 4.54
CA LEU A 113 -0.89 4.69 5.26
C LEU A 113 -0.02 5.46 4.26
N THR A 114 -0.25 5.24 2.95
CA THR A 114 0.10 6.18 1.87
C THR A 114 -0.12 7.62 2.34
N PHE A 115 -1.28 7.89 2.94
CA PHE A 115 -1.65 9.22 3.51
C PHE A 115 -2.97 9.04 4.26
N SER A 116 -2.92 8.87 5.58
CA SER A 116 -4.13 8.52 6.37
C SER A 116 -4.68 9.69 7.18
N TRP A 117 -3.98 10.82 7.20
CA TRP A 117 -4.37 11.96 8.06
C TRP A 117 -5.87 12.30 7.96
N THR A 118 -6.52 12.07 6.82
CA THR A 118 -7.94 12.50 6.64
C THR A 118 -8.90 11.31 6.73
N SER A 119 -8.49 10.14 6.26
CA SER A 119 -9.35 8.94 6.28
C SER A 119 -9.45 8.40 7.71
N ALA A 120 -8.46 8.72 8.54
CA ALA A 120 -8.42 8.19 9.92
C ALA A 120 -7.65 9.17 10.78
N PRO A 121 -8.16 10.38 11.03
CA PRO A 121 -7.39 11.41 11.73
C PRO A 121 -7.17 11.10 13.21
N GLU A 122 -8.06 10.33 13.80
CA GLU A 122 -8.04 10.04 15.26
C GLU A 122 -6.88 9.08 15.53
N LYS A 123 -6.91 7.89 14.91
CA LYS A 123 -5.90 6.82 15.09
C LYS A 123 -4.54 7.35 14.62
N THR A 124 -4.50 8.10 13.52
CA THR A 124 -3.27 8.62 12.86
C THR A 124 -2.57 9.58 13.83
N LYS A 125 -3.29 10.59 14.33
CA LYS A 125 -2.73 11.54 15.34
C LYS A 125 -2.10 10.70 16.44
N GLU A 126 -2.86 9.76 16.98
CA GLU A 126 -2.45 8.81 18.04
C GLU A 126 -1.12 8.13 17.68
N MET A 127 -1.03 7.50 16.51
CA MET A 127 0.20 6.75 16.10
C MET A 127 1.36 7.74 15.90
N ASP A 128 1.09 8.91 15.33
CA ASP A 128 2.11 9.99 15.16
C ASP A 128 2.75 10.28 16.52
N GLU A 129 1.93 10.70 17.49
CA GLU A 129 2.38 11.06 18.87
C GLU A 129 3.09 9.86 19.52
N LEU A 130 2.65 8.62 19.23
CA LEU A 130 3.27 7.41 19.83
C LEU A 130 4.70 7.26 19.33
N PHE A 131 4.89 7.26 18.00
CA PHE A 131 6.22 7.02 17.36
C PHE A 131 7.16 8.19 17.74
N LYS A 132 6.63 9.42 17.74
CA LYS A 132 7.30 10.61 18.34
C LYS A 132 7.83 10.25 19.74
N GLU A 133 6.98 9.70 20.61
CA GLU A 133 7.33 9.38 22.01
C GLU A 133 8.54 8.43 22.05
N HIS A 134 8.59 7.40 21.19
CA HIS A 134 9.60 6.31 21.25
C HIS A 134 10.73 6.52 20.22
N ASN A 135 10.78 7.68 19.57
CA ASN A 135 11.98 8.16 18.82
C ASN A 135 12.24 7.26 17.60
N VAL A 136 11.17 6.82 16.94
CA VAL A 136 11.21 5.97 15.71
C VAL A 136 10.14 6.47 14.73
N SER A 137 10.09 5.87 13.54
CA SER A 137 9.40 6.39 12.33
C SER A 137 8.33 5.42 11.83
N LEU A 138 7.17 5.97 11.40
CA LEU A 138 6.09 5.22 10.72
C LEU A 138 5.91 5.79 9.30
N ILE A 139 6.10 4.93 8.30
CA ILE A 139 6.06 5.26 6.85
C ILE A 139 5.38 4.11 6.10
N GLY A 140 4.67 4.39 4.98
CA GLY A 140 3.98 3.31 4.23
C GLY A 140 3.39 3.73 2.90
N GLY A 141 2.93 2.73 2.15
CA GLY A 141 2.11 2.91 0.94
C GLY A 141 2.35 1.83 -0.10
N GLY A 142 3.54 1.20 -0.09
CA GLY A 142 3.91 0.19 -1.09
C GLY A 142 3.73 0.73 -2.50
N PHE A 143 3.05 -0.01 -3.36
CA PHE A 143 2.85 0.29 -4.80
C PHE A 143 2.30 1.71 -5.02
N LEU A 144 1.41 2.16 -4.12
CA LEU A 144 0.71 3.47 -4.20
C LEU A 144 1.74 4.57 -3.92
N ASP A 145 2.57 4.35 -2.91
CA ASP A 145 3.69 5.25 -2.57
C ASP A 145 4.60 5.38 -3.80
N GLY A 146 5.14 4.26 -4.29
CA GLY A 146 6.32 4.27 -5.18
C GLY A 146 5.94 4.34 -6.65
N ALA A 147 5.21 3.34 -7.14
CA ALA A 147 4.89 3.21 -8.58
C ALA A 147 3.94 4.33 -9.04
N CYS A 148 3.05 4.83 -8.17
CA CYS A 148 2.03 5.87 -8.53
C CYS A 148 2.50 7.26 -8.09
N CYS A 149 2.57 7.50 -6.79
CA CYS A 149 2.85 8.83 -6.23
C CYS A 149 4.29 9.30 -6.53
N ASP A 150 5.31 8.47 -6.28
CA ASP A 150 6.73 8.92 -6.35
C ASP A 150 7.13 9.10 -7.80
N MET A 151 6.73 8.19 -8.70
CA MET A 151 6.92 8.36 -10.17
C MET A 151 6.27 9.68 -10.62
N ALA A 152 5.02 9.90 -10.21
CA ALA A 152 4.27 11.16 -10.49
C ALA A 152 5.07 12.36 -9.97
N ARG A 153 5.70 12.21 -8.81
CA ARG A 153 6.38 13.35 -8.13
C ARG A 153 7.60 13.76 -8.97
N THR A 154 8.35 12.77 -9.46
CA THR A 154 9.52 12.98 -10.35
C THR A 154 9.04 13.73 -11.58
N MET A 155 8.01 13.22 -12.24
CA MET A 155 7.50 13.78 -13.51
C MET A 155 6.91 15.19 -13.28
N ALA A 156 6.25 15.40 -12.14
CA ALA A 156 5.63 16.72 -11.78
C ALA A 156 6.70 17.79 -11.67
N ALA A 157 7.96 17.42 -11.40
CA ALA A 157 9.04 18.40 -11.20
C ALA A 157 9.18 19.20 -12.49
N MET A 158 8.70 18.64 -13.60
CA MET A 158 8.90 19.23 -14.95
C MET A 158 7.72 20.16 -15.28
N MET A 159 6.89 20.53 -14.30
CA MET A 159 5.71 21.41 -14.53
C MET A 159 6.06 22.80 -14.01
N HIS A 160 5.66 23.85 -14.76
CA HIS A 160 5.75 25.28 -14.32
C HIS A 160 4.47 25.62 -13.53
N LYS A 161 3.30 25.26 -14.09
CA LYS A 161 2.00 25.37 -13.37
C LYS A 161 1.23 24.05 -13.55
N ILE A 162 0.68 23.50 -12.48
CA ILE A 162 -0.29 22.38 -12.60
C ILE A 162 -1.69 22.89 -12.25
N ASP A 163 -2.61 22.75 -13.21
CA ASP A 163 -4.07 23.02 -13.11
C ASP A 163 -4.82 21.76 -12.65
N LYS A 164 -4.39 20.57 -13.09
CA LYS A 164 -5.11 19.30 -12.84
C LYS A 164 -4.13 18.10 -12.87
N LEU A 165 -4.27 17.18 -11.92
CA LEU A 165 -3.68 15.82 -11.99
C LEU A 165 -4.80 14.82 -12.27
N ASP A 166 -4.60 14.00 -13.29
CA ASP A 166 -5.55 12.97 -13.75
C ASP A 166 -4.79 11.64 -13.90
N GLY A 167 -5.05 10.66 -13.04
CA GLY A 167 -4.33 9.37 -13.13
C GLY A 167 -5.05 8.22 -12.45
N GLY A 168 -4.35 7.12 -12.22
CA GLY A 168 -4.92 5.92 -11.58
C GLY A 168 -4.15 4.65 -11.91
N LEU A 169 -4.70 3.52 -11.52
CA LEU A 169 -4.07 2.19 -11.71
C LEU A 169 -5.17 1.15 -11.91
N GLN A 170 -4.83 0.07 -12.61
CA GLN A 170 -5.64 -1.15 -12.74
C GLN A 170 -4.83 -2.33 -12.22
N TYR A 171 -5.45 -3.18 -11.41
CA TYR A 171 -4.81 -4.35 -10.77
C TYR A 171 -5.80 -5.51 -10.80
N ASN A 172 -5.24 -6.72 -10.76
CA ASN A 172 -6.01 -7.98 -10.81
C ASN A 172 -6.46 -8.33 -9.39
N VAL A 173 -7.76 -8.16 -9.13
CA VAL A 173 -8.36 -8.29 -7.77
C VAL A 173 -8.39 -9.76 -7.33
N ASP A 174 -8.26 -10.71 -8.26
CA ASP A 174 -8.36 -12.17 -7.96
C ASP A 174 -7.04 -12.70 -7.36
N HIS A 175 -5.93 -11.98 -7.51
CA HIS A 175 -4.56 -12.49 -7.26
C HIS A 175 -4.02 -12.00 -5.91
N TYR A 176 -4.85 -11.41 -5.04
CA TYR A 176 -4.43 -10.97 -3.68
C TYR A 176 -5.29 -11.69 -2.63
N GLY A 177 -5.99 -12.77 -3.01
CA GLY A 177 -6.77 -13.60 -2.06
C GLY A 177 -8.20 -13.13 -1.87
N GLN A 178 -8.98 -13.92 -1.11
CA GLN A 178 -10.44 -13.77 -0.88
C GLN A 178 -10.77 -12.39 -0.30
N VAL A 179 -10.14 -12.02 0.81
CA VAL A 179 -10.46 -10.78 1.59
C VAL A 179 -10.51 -9.61 0.61
N LEU A 180 -9.51 -9.44 -0.27
CA LEU A 180 -9.44 -8.27 -1.18
C LEU A 180 -10.59 -8.36 -2.18
N ALA A 181 -10.84 -9.54 -2.73
CA ALA A 181 -11.94 -9.79 -3.68
C ALA A 181 -13.26 -9.35 -3.04
N ILE A 182 -13.53 -9.80 -1.84
CA ILE A 182 -14.81 -9.48 -1.15
C ILE A 182 -14.96 -7.96 -1.07
N ALA A 183 -13.88 -7.28 -0.69
CA ALA A 183 -13.83 -5.81 -0.47
C ALA A 183 -14.03 -5.07 -1.82
N HIS A 184 -13.97 -5.76 -2.96
CA HIS A 184 -14.21 -5.18 -4.31
C HIS A 184 -15.53 -5.68 -4.91
N GLY A 185 -16.34 -6.45 -4.16
CA GLY A 185 -17.68 -6.91 -4.56
C GLY A 185 -17.62 -7.93 -5.69
N VAL A 186 -16.68 -8.86 -5.61
CA VAL A 186 -16.37 -9.80 -6.72
C VAL A 186 -17.54 -10.76 -6.94
N GLY A 187 -18.16 -11.28 -5.88
CA GLY A 187 -19.24 -12.28 -6.01
C GLY A 187 -20.64 -11.68 -6.07
N LEU A 188 -20.79 -10.36 -5.97
CA LEU A 188 -22.06 -9.69 -5.58
C LEU A 188 -22.90 -9.33 -6.82
N SER A 189 -24.23 -9.43 -6.69
CA SER A 189 -25.24 -8.83 -7.61
C SER A 189 -25.07 -7.32 -7.61
N GLU A 190 -25.43 -6.68 -8.72
CA GLU A 190 -25.53 -5.20 -8.84
C GLU A 190 -26.15 -4.62 -7.57
N GLU A 191 -27.22 -5.25 -7.06
CA GLU A 191 -27.99 -4.75 -5.89
C GLU A 191 -27.23 -4.96 -4.59
N GLU A 192 -26.62 -6.13 -4.42
CA GLU A 192 -25.76 -6.46 -3.26
C GLU A 192 -24.59 -5.48 -3.16
N PHE A 193 -24.05 -5.04 -4.31
CA PHE A 193 -22.88 -4.13 -4.43
C PHE A 193 -23.19 -2.76 -3.81
N TYR A 194 -24.24 -2.09 -4.30
CA TYR A 194 -24.87 -0.94 -3.61
C TYR A 194 -25.60 -1.53 -2.40
N ALA A 195 -25.84 -0.77 -1.32
CA ALA A 195 -26.44 -1.26 -0.05
C ALA A 195 -25.45 -1.00 1.08
N GLU A 196 -25.97 -0.68 2.29
CA GLU A 196 -25.19 -0.19 3.45
C GLU A 196 -24.01 -1.16 3.70
N ASN A 197 -24.31 -2.43 3.95
CA ASN A 197 -23.32 -3.54 4.02
C ASN A 197 -22.98 -3.91 2.58
N GLY A 198 -22.05 -3.16 1.97
CA GLY A 198 -21.74 -3.21 0.52
C GLY A 198 -20.62 -2.25 0.14
N PRO A 199 -19.80 -2.57 -0.89
CA PRO A 199 -18.61 -1.78 -1.22
C PRO A 199 -18.87 -0.57 -2.12
N GLY A 200 -19.95 -0.61 -2.92
CA GLY A 200 -20.45 0.55 -3.70
C GLY A 200 -21.34 1.48 -2.90
N TRP A 201 -21.44 1.27 -1.58
CA TRP A 201 -22.35 2.08 -0.72
C TRP A 201 -21.93 3.54 -0.83
N THR A 202 -22.78 4.38 -1.44
CA THR A 202 -22.59 5.84 -1.56
C THR A 202 -22.99 6.48 -0.24
N SER A 203 -22.01 7.01 0.47
CA SER A 203 -22.17 7.81 1.70
C SER A 203 -20.82 8.46 1.98
N PRO A 204 -20.78 9.77 2.30
CA PRO A 204 -19.53 10.41 2.72
C PRO A 204 -18.95 9.77 3.98
N THR A 205 -19.75 8.99 4.74
CA THR A 205 -19.38 8.31 6.01
C THR A 205 -18.77 6.92 5.70
N SER A 206 -18.75 6.50 4.44
CA SER A 206 -18.17 5.21 4.00
C SER A 206 -16.75 5.05 4.56
N TYR A 207 -16.45 3.90 5.14
CA TYR A 207 -15.06 3.58 5.58
C TYR A 207 -14.90 2.06 5.57
N PRO A 208 -13.75 1.50 5.14
CA PRO A 208 -12.60 2.30 4.68
C PRO A 208 -12.80 3.18 3.43
N LYS A 209 -11.87 4.12 3.30
CA LYS A 209 -11.84 4.94 2.08
C LYS A 209 -11.00 4.21 1.05
N SER A 210 -11.20 4.52 -0.22
CA SER A 210 -10.48 3.95 -1.38
C SER A 210 -9.00 4.33 -1.33
N TYR A 211 -8.18 3.62 -2.10
CA TYR A 211 -6.71 3.88 -2.20
C TYR A 211 -6.51 5.27 -2.83
N VAL A 212 -7.31 5.62 -3.84
CA VAL A 212 -7.16 6.91 -4.60
C VAL A 212 -7.53 8.11 -3.71
N TYR A 213 -8.33 7.90 -2.67
CA TYR A 213 -8.61 8.98 -1.70
C TYR A 213 -7.29 9.35 -1.04
N ASN A 214 -6.62 8.36 -0.46
CA ASN A 214 -5.34 8.62 0.26
C ASN A 214 -4.34 9.20 -0.73
N MET A 215 -4.34 8.70 -1.97
CA MET A 215 -3.36 9.16 -2.97
C MET A 215 -3.64 10.60 -3.36
N ASN A 216 -4.91 11.01 -3.50
CA ASN A 216 -5.29 12.43 -3.70
C ASN A 216 -4.73 13.28 -2.55
N ASP A 217 -4.80 12.81 -1.32
CA ASP A 217 -4.31 13.57 -0.16
C ASP A 217 -2.80 13.68 -0.25
N TRP A 218 -2.17 12.62 -0.76
CA TRP A 218 -0.69 12.56 -0.92
C TRP A 218 -0.27 13.68 -1.88
N PHE A 219 -0.94 13.84 -3.02
CA PHE A 219 -0.55 14.87 -4.01
C PHE A 219 -0.82 16.26 -3.43
N ALA A 220 -1.93 16.42 -2.71
CA ALA A 220 -2.31 17.72 -2.11
C ALA A 220 -1.21 18.14 -1.15
N SER A 221 -0.74 17.23 -0.29
CA SER A 221 0.44 17.47 0.58
C SER A 221 1.66 17.78 -0.30
N ALA A 222 1.98 16.90 -1.25
CA ALA A 222 3.18 17.04 -2.12
C ALA A 222 3.20 18.43 -2.77
N PHE A 223 2.10 18.84 -3.40
CA PHE A 223 2.05 20.08 -4.20
C PHE A 223 1.82 21.30 -3.28
N GLY A 224 1.79 21.15 -1.96
CA GLY A 224 1.49 22.25 -1.01
C GLY A 224 0.13 22.91 -1.27
N LEU A 225 -0.93 22.13 -1.47
CA LEU A 225 -2.30 22.65 -1.71
C LEU A 225 -3.15 22.48 -0.45
N THR A 226 -4.29 23.15 -0.41
CA THR A 226 -5.25 23.16 0.73
C THR A 226 -6.51 22.44 0.27
N VAL A 227 -6.78 21.25 0.80
CA VAL A 227 -7.97 20.43 0.38
C VAL A 227 -9.23 21.13 0.86
N ILE A 228 -10.20 21.32 -0.02
CA ILE A 228 -11.61 21.67 0.33
C ILE A 228 -12.34 20.37 0.66
N LYS A 229 -12.38 19.44 -0.29
CA LYS A 229 -13.24 18.24 -0.18
C LYS A 229 -12.66 17.14 -1.08
N THR A 230 -12.86 15.86 -0.72
CA THR A 230 -12.68 14.72 -1.66
C THR A 230 -13.99 13.96 -1.77
N GLU A 231 -14.42 13.64 -2.97
CA GLU A 231 -15.63 12.80 -3.20
C GLU A 231 -15.25 11.53 -3.96
N GLU A 232 -15.87 10.42 -3.58
CA GLU A 232 -15.71 9.09 -4.20
C GLU A 232 -16.98 8.80 -4.99
N VAL A 233 -16.82 8.32 -6.22
CA VAL A 233 -17.87 7.68 -7.06
C VAL A 233 -17.49 6.20 -7.22
N LYS A 234 -18.35 5.29 -6.77
CA LYS A 234 -18.10 3.83 -6.72
C LYS A 234 -19.09 3.11 -7.64
N THR A 235 -18.60 2.37 -8.64
CA THR A 235 -19.43 1.64 -9.62
C THR A 235 -18.88 0.22 -9.78
N PRO A 236 -19.73 -0.81 -9.88
CA PRO A 236 -19.26 -2.18 -10.06
C PRO A 236 -18.72 -2.39 -11.48
N THR A 237 -17.76 -3.29 -11.62
CA THR A 237 -17.32 -3.80 -12.95
C THR A 237 -18.05 -5.12 -13.21
N LYS A 238 -18.23 -5.48 -14.49
CA LYS A 238 -18.91 -6.73 -14.89
C LYS A 238 -18.32 -7.19 -16.23
N ALA A 239 -18.54 -8.45 -16.57
CA ALA A 239 -17.95 -9.09 -17.77
C ALA A 239 -19.07 -9.56 -18.70
N PRO A 240 -18.91 -9.38 -20.03
CA PRO A 240 -19.84 -9.94 -21.00
C PRO A 240 -19.61 -11.43 -21.28
N ILE A 241 -18.88 -12.13 -20.40
CA ILE A 241 -18.67 -13.61 -20.42
C ILE A 241 -18.48 -14.10 -18.97
N GLU A 242 -18.62 -15.40 -18.73
CA GLU A 242 -18.37 -16.03 -17.40
C GLU A 242 -16.86 -15.97 -17.11
N LEU A 243 -16.49 -15.53 -15.92
CA LEU A 243 -15.08 -15.46 -15.45
C LEU A 243 -14.98 -16.23 -14.13
N TYR A 244 -13.93 -17.01 -13.93
CA TYR A 244 -13.72 -17.78 -12.68
C TYR A 244 -12.84 -16.95 -11.75
N SER A 245 -13.15 -16.97 -10.45
CA SER A 245 -12.39 -16.27 -9.38
C SER A 245 -11.75 -17.29 -8.45
N GLU A 246 -10.43 -17.45 -8.49
CA GLU A 246 -9.66 -18.25 -7.49
C GLU A 246 -9.96 -17.73 -6.08
N ALA A 247 -9.95 -16.40 -5.92
CA ALA A 247 -10.05 -15.67 -4.62
C ALA A 247 -11.31 -16.11 -3.86
N ILE A 248 -12.48 -16.12 -4.53
CA ILE A 248 -13.78 -16.53 -3.91
C ILE A 248 -14.06 -18.01 -4.24
N GLY A 249 -13.51 -18.50 -5.35
CA GLY A 249 -13.44 -19.93 -5.67
C GLY A 249 -14.69 -20.43 -6.38
N ARG A 250 -15.13 -19.74 -7.43
CA ARG A 250 -16.32 -20.14 -8.22
C ARG A 250 -16.43 -19.28 -9.48
N ALA A 251 -17.36 -19.63 -10.37
CA ALA A 251 -17.69 -18.87 -11.60
C ALA A 251 -18.43 -17.60 -11.21
N ILE A 252 -18.16 -16.51 -11.93
CA ILE A 252 -18.92 -15.23 -11.90
C ILE A 252 -19.84 -15.23 -13.12
N PRO A 253 -21.15 -15.44 -12.95
CA PRO A 253 -22.11 -15.30 -14.05
C PRO A 253 -21.98 -13.96 -14.80
N VAL A 254 -22.39 -13.94 -16.07
CA VAL A 254 -22.42 -12.70 -16.91
C VAL A 254 -23.40 -11.72 -16.25
N GLY A 255 -22.97 -10.49 -15.96
CA GLY A 255 -23.79 -9.43 -15.35
C GLY A 255 -23.55 -9.28 -13.86
N GLN A 256 -22.95 -10.27 -13.21
CA GLN A 256 -22.58 -10.22 -11.78
C GLN A 256 -21.25 -9.47 -11.62
N CYS A 257 -21.10 -8.69 -10.54
CA CYS A 257 -19.96 -7.76 -10.31
C CYS A 257 -18.63 -8.55 -10.34
N THR A 258 -17.65 -8.07 -11.11
CA THR A 258 -16.31 -8.69 -11.22
C THR A 258 -15.27 -7.88 -10.44
N GLY A 259 -15.68 -6.83 -9.74
CA GLY A 259 -14.76 -5.90 -9.05
C GLY A 259 -15.36 -4.50 -8.93
N MET A 260 -14.51 -3.48 -8.82
CA MET A 260 -14.95 -2.13 -8.43
C MET A 260 -14.10 -1.08 -9.13
N ILE A 261 -14.76 -0.04 -9.64
CA ILE A 261 -14.13 1.25 -10.01
C ILE A 261 -14.39 2.21 -8.85
N VAL A 262 -13.39 3.03 -8.51
CA VAL A 262 -13.57 4.22 -7.63
C VAL A 262 -12.78 5.36 -8.25
N THR A 263 -13.48 6.43 -8.58
CA THR A 263 -12.90 7.75 -8.89
C THR A 263 -12.98 8.62 -7.63
N ALA A 264 -11.87 9.23 -7.22
CA ALA A 264 -11.85 10.23 -6.13
C ALA A 264 -11.51 11.59 -6.75
N THR A 265 -12.36 12.59 -6.51
CA THR A 265 -12.23 13.97 -7.02
C THR A 265 -11.94 14.89 -5.84
N THR A 266 -10.76 15.50 -5.83
CA THR A 266 -10.35 16.43 -4.76
C THR A 266 -10.34 17.87 -5.31
N THR A 267 -11.03 18.79 -4.64
CA THR A 267 -10.92 20.25 -4.90
C THR A 267 -10.02 20.86 -3.82
N THR A 268 -9.30 21.92 -4.17
CA THR A 268 -8.37 22.64 -3.27
C THR A 268 -8.72 24.14 -3.29
N GLU A 269 -8.24 24.92 -2.31
CA GLU A 269 -8.45 26.40 -2.27
C GLU A 269 -7.71 27.08 -3.42
N GLU A 270 -6.60 26.50 -3.89
CA GLU A 270 -5.75 27.15 -4.93
C GLU A 270 -6.32 26.88 -6.32
N GLY A 271 -7.45 26.16 -6.42
CA GLY A 271 -8.15 25.94 -7.71
C GLY A 271 -7.62 24.73 -8.47
N VAL A 272 -6.65 23.99 -7.91
CA VAL A 272 -6.05 22.78 -8.53
C VAL A 272 -6.95 21.58 -8.26
N ILE A 273 -7.35 20.87 -9.32
CA ILE A 273 -8.21 19.67 -9.25
C ILE A 273 -7.31 18.41 -9.29
N ILE A 274 -7.62 17.40 -8.47
CA ILE A 274 -6.94 16.07 -8.47
C ILE A 274 -7.99 14.96 -8.67
N VAL A 275 -7.92 14.24 -9.80
CA VAL A 275 -8.81 13.07 -10.10
C VAL A 275 -7.95 11.81 -10.21
N GLU A 276 -8.32 10.74 -9.49
CA GLU A 276 -7.59 9.43 -9.58
C GLU A 276 -8.64 8.30 -9.61
N LYS A 277 -8.49 7.37 -10.54
CA LYS A 277 -9.40 6.22 -10.75
C LYS A 277 -8.66 4.91 -10.42
N GLN A 278 -9.23 4.10 -9.52
CA GLN A 278 -8.74 2.73 -9.26
C GLN A 278 -9.76 1.76 -9.86
N VAL A 279 -9.27 0.84 -10.70
CA VAL A 279 -10.00 -0.33 -11.24
C VAL A 279 -9.37 -1.59 -10.65
N GLY A 280 -10.10 -2.27 -9.78
CA GLY A 280 -9.73 -3.57 -9.21
C GLY A 280 -10.77 -4.62 -9.56
N LYS A 281 -10.42 -5.59 -10.41
CA LYS A 281 -11.38 -6.55 -11.01
C LYS A 281 -10.72 -7.85 -11.48
N CYS A 282 -11.55 -8.88 -11.67
CA CYS A 282 -11.21 -10.12 -12.42
C CYS A 282 -11.05 -9.75 -13.89
N TYR A 283 -10.05 -10.34 -14.53
CA TYR A 283 -9.52 -9.91 -15.85
C TYR A 283 -10.13 -10.73 -17.00
N GLU A 284 -10.54 -10.01 -18.04
CA GLU A 284 -10.75 -10.55 -19.41
C GLU A 284 -9.36 -10.73 -20.07
N ASP A 285 -9.31 -11.45 -21.19
CA ASP A 285 -8.08 -11.84 -21.94
C ASP A 285 -7.19 -10.62 -22.23
N GLY A 286 -7.78 -9.49 -22.62
CA GLY A 286 -7.04 -8.28 -23.02
C GLY A 286 -6.58 -7.44 -21.82
N ASP A 287 -6.95 -7.80 -20.60
CA ASP A 287 -6.76 -6.97 -19.38
C ASP A 287 -5.33 -7.13 -18.84
N GLU A 288 -4.64 -6.02 -18.61
CA GLU A 288 -3.30 -5.98 -17.96
C GLU A 288 -3.34 -4.94 -16.85
N ASP A 289 -2.55 -5.14 -15.79
CA ASP A 289 -2.27 -4.08 -14.81
C ASP A 289 -1.86 -2.84 -15.61
N MET A 290 -2.11 -1.64 -15.06
CA MET A 290 -1.71 -0.37 -15.68
C MET A 290 -1.50 0.67 -14.59
N VAL A 291 -0.53 1.57 -14.75
CA VAL A 291 -0.49 2.85 -13.98
C VAL A 291 -0.50 3.97 -15.02
N PHE A 292 -1.24 5.05 -14.77
CA PHE A 292 -1.26 6.25 -15.64
C PHE A 292 -1.29 7.50 -14.78
N MET A 293 -0.60 8.53 -15.24
CA MET A 293 -0.53 9.85 -14.57
C MET A 293 -0.36 10.87 -15.67
N ASN A 294 -1.21 11.89 -15.70
CA ASN A 294 -1.19 13.01 -16.69
C ASN A 294 -1.39 14.34 -15.94
N LEU A 295 -0.57 15.33 -16.27
CA LEU A 295 -0.58 16.66 -15.63
C LEU A 295 -0.94 17.71 -16.69
N GLU A 296 -1.96 18.51 -16.39
CA GLU A 296 -2.51 19.56 -17.29
C GLU A 296 -2.17 20.92 -16.70
N GLY A 297 -1.59 21.81 -17.51
CA GLY A 297 -1.05 23.10 -17.06
C GLY A 297 0.05 23.57 -17.99
N ASN A 298 1.20 23.94 -17.44
CA ASN A 298 2.34 24.45 -18.22
C ASN A 298 3.58 23.72 -17.74
N PRO A 299 4.26 22.91 -18.61
CA PRO A 299 3.93 22.74 -20.02
C PRO A 299 2.53 22.23 -20.37
N THR A 300 2.06 22.60 -21.56
CA THR A 300 0.66 22.43 -22.02
C THR A 300 0.54 21.15 -22.83
N GLY A 301 -0.69 20.67 -23.06
CA GLY A 301 -1.00 19.51 -23.90
C GLY A 301 -1.10 18.22 -23.12
N GLY A 302 -0.68 18.22 -21.84
CA GLY A 302 -0.61 17.01 -21.00
C GLY A 302 0.81 16.46 -20.90
N VAL A 303 1.38 16.46 -19.71
CA VAL A 303 2.66 15.78 -19.36
C VAL A 303 2.31 14.48 -18.65
N GLY A 304 2.38 13.35 -19.37
CA GLY A 304 1.84 12.05 -18.93
C GLY A 304 2.86 10.94 -18.98
N PHE A 305 2.77 9.97 -18.06
CA PHE A 305 3.48 8.67 -18.18
C PHE A 305 2.44 7.57 -18.04
N THR A 306 2.69 6.42 -18.67
CA THR A 306 1.93 5.16 -18.46
C THR A 306 2.90 4.00 -18.26
N MET A 307 2.58 3.08 -17.35
CA MET A 307 3.32 1.81 -17.13
C MET A 307 2.38 0.67 -17.50
N LYS A 308 2.70 -0.07 -18.55
CA LYS A 308 1.85 -1.17 -19.07
C LYS A 308 2.29 -2.45 -18.34
N ASN A 309 1.34 -3.24 -17.87
CA ASN A 309 1.59 -4.58 -17.29
C ASN A 309 2.76 -4.55 -16.30
N PRO A 310 2.77 -3.67 -15.29
CA PRO A 310 3.78 -3.74 -14.25
C PRO A 310 3.58 -4.92 -13.29
N PRO A 311 4.66 -5.65 -12.92
CA PRO A 311 4.58 -6.72 -11.92
C PRO A 311 4.30 -6.15 -10.52
N THR A 312 3.03 -5.77 -10.30
CA THR A 312 2.57 -4.97 -9.15
C THR A 312 2.96 -5.62 -7.83
N PRO A 313 2.70 -6.93 -7.62
CA PRO A 313 3.10 -7.61 -6.37
C PRO A 313 4.57 -7.45 -5.98
N ALA A 314 5.49 -7.65 -6.92
CA ALA A 314 6.95 -7.60 -6.68
C ALA A 314 7.39 -6.14 -6.50
N MET A 315 6.81 -5.22 -7.28
CA MET A 315 7.13 -3.78 -7.14
C MET A 315 6.73 -3.25 -5.75
N THR A 316 5.63 -3.77 -5.18
CA THR A 316 5.20 -3.40 -3.81
C THR A 316 6.34 -3.70 -2.83
N ASN A 317 7.01 -4.83 -3.03
CA ASN A 317 8.11 -5.28 -2.14
C ASN A 317 9.36 -4.44 -2.41
N THR A 318 9.71 -4.24 -3.68
CA THR A 318 10.94 -3.46 -4.04
C THR A 318 10.78 -2.03 -3.53
N ILE A 319 9.57 -1.46 -3.61
CA ILE A 319 9.35 -0.08 -3.08
C ILE A 319 9.73 -0.11 -1.60
N ALA A 320 9.16 -1.07 -0.87
CA ALA A 320 9.36 -1.21 0.59
C ALA A 320 10.86 -1.28 0.90
N ILE A 321 11.59 -2.09 0.14
CA ILE A 321 13.07 -2.28 0.33
C ILE A 321 13.76 -0.93 0.11
N SER A 322 13.38 -0.26 -0.97
CA SER A 322 13.94 1.05 -1.39
C SER A 322 13.72 2.10 -0.30
N ARG A 323 12.92 1.81 0.73
CA ARG A 323 12.48 2.80 1.76
C ARG A 323 13.11 2.51 3.13
N MET A 324 13.78 1.37 3.28
CA MET A 324 14.21 0.89 4.62
C MET A 324 15.12 1.91 5.31
N PHE A 325 16.24 2.27 4.67
CA PHE A 325 17.28 3.15 5.25
C PHE A 325 16.70 4.54 5.49
N GLN A 326 15.87 5.01 4.58
CA GLN A 326 15.18 6.33 4.64
C GLN A 326 14.29 6.38 5.89
N THR A 327 13.56 5.30 6.17
CA THR A 327 12.62 5.19 7.32
C THR A 327 13.44 5.28 8.61
N VAL A 328 14.52 4.49 8.69
CA VAL A 328 15.46 4.48 9.84
C VAL A 328 15.99 5.90 10.03
N ASP A 329 16.38 6.58 8.95
CA ASP A 329 17.04 7.89 9.02
C ASP A 329 15.97 8.97 9.24
N ALA A 330 14.69 8.71 8.92
CA ALA A 330 13.64 9.76 8.90
C ALA A 330 13.45 10.29 10.32
N PRO A 331 12.94 11.54 10.48
CA PRO A 331 12.57 12.06 11.79
C PRO A 331 11.52 11.16 12.47
N ALA A 332 11.26 11.40 13.76
CA ALA A 332 10.32 10.60 14.58
C ALA A 332 8.88 10.95 14.15
N GLY A 333 7.96 10.00 14.31
CA GLY A 333 6.52 10.24 14.06
C GLY A 333 6.03 9.61 12.76
N TYR A 334 4.82 9.95 12.35
CA TYR A 334 4.23 9.51 11.07
C TYR A 334 4.83 10.40 9.98
N ILE A 335 5.64 9.83 9.07
CA ILE A 335 6.23 10.56 7.92
C ILE A 335 5.63 10.01 6.61
N THR A 336 4.82 10.80 5.91
CA THR A 336 4.35 10.46 4.55
C THR A 336 5.52 10.67 3.58
N THR A 337 5.57 9.86 2.52
CA THR A 337 6.76 9.70 1.67
C THR A 337 6.97 10.95 0.81
N ASP A 338 5.95 11.82 0.67
CA ASP A 338 6.12 13.14 -0.01
C ASP A 338 7.09 14.01 0.80
N LYS A 339 7.41 13.64 2.04
CA LYS A 339 8.47 14.29 2.87
C LYS A 339 9.82 13.56 2.76
N LEU A 340 9.88 12.45 2.00
CA LEU A 340 11.12 11.65 1.81
C LEU A 340 11.78 12.01 0.48
N PRO A 341 13.08 11.68 0.30
CA PRO A 341 13.69 11.68 -1.01
C PRO A 341 12.94 10.64 -1.84
N THR A 342 13.20 10.61 -3.15
CA THR A 342 12.80 9.54 -4.10
C THR A 342 13.23 8.19 -3.53
N MET A 343 12.51 7.11 -3.82
CA MET A 343 12.92 5.71 -3.53
C MET A 343 14.43 5.60 -3.75
N GLU A 344 15.16 4.93 -2.87
CA GLU A 344 16.65 4.79 -2.93
C GLU A 344 17.05 4.17 -4.28
N ALA A 345 18.04 4.76 -4.95
CA ALA A 345 18.37 4.49 -6.37
C ALA A 345 18.92 3.07 -6.48
N TYR A 346 18.67 2.44 -7.61
CA TYR A 346 19.29 1.15 -7.97
C TYR A 346 20.80 1.33 -8.20
N VAL A 347 21.59 0.50 -7.53
CA VAL A 347 23.06 0.38 -7.74
C VAL A 347 23.40 -1.11 -7.76
N HIS A 348 24.23 -1.55 -8.72
CA HIS A 348 24.85 -2.91 -8.75
C HIS A 348 25.71 -3.14 -7.49
N GLY A 349 25.84 -4.39 -7.04
CA GLY A 349 26.80 -4.81 -6.01
C GLY A 349 26.19 -4.96 -4.62
N ARG A 350 24.86 -4.93 -4.51
CA ARG A 350 24.12 -5.26 -3.26
C ARG A 350 23.72 -6.74 -3.29
N LEU A 351 23.71 -7.35 -4.48
CA LEU A 351 23.28 -8.74 -4.80
C LEU A 351 21.75 -8.84 -4.75
#